data_1WKW
#
_entry.id   1WKW
#
_cell.length_a   87.77
_cell.length_b   87.77
_cell.length_c   38.36
_cell.angle_alpha   90
_cell.angle_beta   90
_cell.angle_gamma   90
#
_symmetry.space_group_name_H-M   'P 43'
#
loop_
_entity.id
_entity.type
_entity.pdbx_description
1 polymer 'Eukaryotic translation initiation factor 4E'
2 polymer 'Eukaryotic translation initiation factor 4E binding protein 1'
3 non-polymer "P1-7-METHYLGUANOSINE-P3-ADENOSINE-5',5'-TRIPHOSPHATE"
4 water water
#
loop_
_entity_poly.entity_id
_entity_poly.type
_entity_poly.pdbx_seq_one_letter_code
_entity_poly.pdbx_strand_id
1 'polypeptide(L)'
;EVANPEHYIKHPLQNRWALWFFKNDKSKTWQANLRLISKFDTVEDFWALYNHIQLSSNLMPGCDYSLFKDGIEPMWEDEK
NKRGGRWLITLNKQQRRSDLDRFWLETLLCLIGESFDDYSDDVCGAVVNVRAKGDKIAIWTTECENREAVTHIGRVYKER
LGLPPKIVIGYQSHADTATKSGSTTKNRFVV
;
A
2 'polypeptide(L)' PGGTRIIYDRKFLMECRNSP B
#
# COMPACT_ATOMS: atom_id res chain seq x y z
N GLU A 1 38.58 10.72 14.77
CA GLU A 1 37.20 10.21 15.08
C GLU A 1 36.14 11.04 14.36
N VAL A 2 35.04 10.39 13.99
CA VAL A 2 33.93 11.05 13.31
C VAL A 2 32.81 11.28 14.33
N ALA A 3 31.73 11.94 13.92
CA ALA A 3 30.60 12.17 14.83
C ALA A 3 29.78 10.88 14.90
N ASN A 4 28.83 10.81 15.84
CA ASN A 4 28.00 9.61 15.99
C ASN A 4 26.74 9.65 15.13
N PRO A 5 26.56 8.65 14.24
CA PRO A 5 25.40 8.55 13.34
C PRO A 5 24.00 8.71 13.95
N GLU A 6 23.65 7.91 14.96
CA GLU A 6 22.33 8.00 15.58
C GLU A 6 21.99 9.43 15.96
N HIS A 7 23.02 10.25 16.14
CA HIS A 7 22.82 11.65 16.51
C HIS A 7 22.38 12.56 15.35
N TYR A 8 22.92 12.33 14.15
CA TYR A 8 22.59 13.19 13.04
C TYR A 8 22.11 12.54 11.74
N ILE A 9 22.37 11.26 11.52
CA ILE A 9 21.92 10.69 10.26
C ILE A 9 20.45 10.24 10.31
N LYS A 10 19.74 10.40 9.19
CA LYS A 10 18.33 10.02 9.10
C LYS A 10 18.11 8.51 9.09
N HIS A 11 16.89 8.07 9.36
CA HIS A 11 16.60 6.64 9.39
C HIS A 11 16.24 6.13 8.00
N PRO A 12 17.22 5.55 7.29
CA PRO A 12 17.06 5.01 5.95
C PRO A 12 16.07 3.87 5.93
N LEU A 13 15.30 3.78 4.86
CA LEU A 13 14.32 2.70 4.70
C LEU A 13 14.91 1.68 3.76
N GLN A 14 14.30 0.50 3.73
CA GLN A 14 14.75 -0.57 2.86
C GLN A 14 14.79 -0.09 1.41
N ASN A 15 13.65 0.40 0.94
CA ASN A 15 13.54 0.88 -0.43
C ASN A 15 13.11 2.34 -0.45
N ARG A 16 13.30 2.99 -1.59
CA ARG A 16 12.85 4.36 -1.75
C ARG A 16 11.42 4.21 -2.25
N TRP A 17 10.49 4.98 -1.72
CA TRP A 17 9.11 4.86 -2.17
C TRP A 17 8.64 6.10 -2.91
N ALA A 18 7.60 5.93 -3.72
CA ALA A 18 7.04 7.03 -4.49
C ALA A 18 5.54 7.15 -4.22
N LEU A 19 5.07 8.36 -3.95
CA LEU A 19 3.64 8.58 -3.71
C LEU A 19 2.97 9.20 -4.93
N TRP A 20 1.94 8.52 -5.44
CA TRP A 20 1.20 8.99 -6.62
C TRP A 20 -0.21 9.41 -6.28
N PHE A 21 -0.74 10.36 -7.02
CA PHE A 21 -2.11 10.83 -6.80
C PHE A 21 -2.95 10.72 -8.05
N PHE A 22 -4.18 10.24 -7.89
CA PHE A 22 -5.09 10.09 -9.01
C PHE A 22 -6.30 10.99 -8.83
N LYS A 23 -6.73 11.63 -9.90
CA LYS A 23 -7.88 12.50 -9.83
C LYS A 23 -8.79 12.12 -10.97
N ASN A 24 -10.02 11.74 -10.68
CA ASN A 24 -10.91 11.34 -11.76
C ASN A 24 -11.29 12.54 -12.61
N ASP A 25 -11.72 12.25 -13.83
CA ASP A 25 -12.11 13.28 -14.77
C ASP A 25 -13.06 12.62 -15.76
N LYS A 26 -13.09 11.30 -15.74
CA LYS A 26 -13.94 10.51 -16.64
C LYS A 26 -14.08 11.17 -18.00
N SER A 27 -12.97 11.75 -18.48
CA SER A 27 -12.92 12.42 -19.79
C SER A 27 -11.45 12.57 -20.23
N LYS A 28 -10.62 11.61 -19.79
CA LYS A 28 -9.19 11.57 -20.08
C LYS A 28 -8.73 10.13 -19.84
N THR A 29 -7.66 9.70 -20.51
CA THR A 29 -7.12 8.35 -20.34
C THR A 29 -6.81 8.14 -18.85
N TRP A 30 -7.04 6.94 -18.34
CA TRP A 30 -6.76 6.68 -16.92
C TRP A 30 -5.33 7.10 -16.54
N GLN A 31 -4.38 6.77 -17.41
CA GLN A 31 -2.99 7.11 -17.16
C GLN A 31 -2.70 8.61 -16.99
N ALA A 32 -3.44 9.45 -17.72
CA ALA A 32 -3.29 10.90 -17.69
C ALA A 32 -3.82 11.58 -16.42
N ASN A 33 -4.63 10.88 -15.64
CA ASN A 33 -5.17 11.43 -14.40
C ASN A 33 -4.27 10.98 -13.26
N LEU A 34 -3.26 10.20 -13.61
CA LEU A 34 -2.31 9.66 -12.65
C LEU A 34 -1.08 10.56 -12.60
N ARG A 35 -0.76 11.10 -11.43
CA ARG A 35 0.40 11.96 -11.30
C ARG A 35 1.25 11.65 -10.09
N LEU A 36 2.57 11.75 -10.29
CA LEU A 36 3.52 11.49 -9.22
C LEU A 36 3.55 12.72 -8.32
N ILE A 37 3.69 12.50 -7.02
CA ILE A 37 3.77 13.61 -6.07
C ILE A 37 5.24 13.79 -5.68
N SER A 38 5.80 12.83 -4.97
CA SER A 38 7.20 12.90 -4.57
C SER A 38 7.66 11.54 -4.07
N LYS A 39 8.94 11.46 -3.72
CA LYS A 39 9.51 10.22 -3.22
C LYS A 39 10.22 10.43 -1.88
N PHE A 40 10.78 9.37 -1.33
CA PHE A 40 11.47 9.44 -0.04
C PHE A 40 12.11 8.11 0.31
N ASP A 41 13.22 8.15 1.05
CA ASP A 41 13.86 6.92 1.48
C ASP A 41 14.35 6.93 2.92
N THR A 42 13.58 7.60 3.77
CA THR A 42 13.87 7.66 5.21
C THR A 42 12.55 7.79 5.96
N VAL A 43 12.57 7.39 7.22
CA VAL A 43 11.39 7.48 8.07
C VAL A 43 10.96 8.95 8.18
N GLU A 44 11.91 9.82 8.48
CA GLU A 44 11.60 11.24 8.63
C GLU A 44 10.97 11.84 7.38
N ASP A 45 11.55 11.53 6.22
CA ASP A 45 11.01 12.08 4.98
C ASP A 45 9.61 11.54 4.73
N PHE A 46 9.35 10.33 5.24
CA PHE A 46 8.02 9.74 5.08
C PHE A 46 7.01 10.59 5.84
N TRP A 47 7.28 10.83 7.12
CA TRP A 47 6.36 11.62 7.91
C TRP A 47 6.22 13.06 7.40
N ALA A 48 7.30 13.61 6.86
CA ALA A 48 7.24 14.98 6.34
C ALA A 48 6.17 15.02 5.25
N LEU A 49 6.21 14.01 4.39
CA LEU A 49 5.23 13.93 3.30
C LEU A 49 3.84 13.68 3.83
N TYR A 50 3.69 12.65 4.65
CA TYR A 50 2.39 12.29 5.20
C TYR A 50 1.73 13.46 5.92
N ASN A 51 2.50 14.15 6.74
CA ASN A 51 1.94 15.25 7.51
C ASN A 51 1.35 16.40 6.70
N HIS A 52 1.81 16.62 5.48
CA HIS A 52 1.25 17.74 4.73
C HIS A 52 0.25 17.39 3.64
N ILE A 53 -0.40 16.23 3.75
CA ILE A 53 -1.38 15.88 2.74
C ILE A 53 -2.71 15.47 3.35
N GLN A 54 -3.77 15.69 2.60
CA GLN A 54 -5.12 15.35 3.01
C GLN A 54 -5.20 13.90 3.44
N LEU A 55 -6.07 13.64 4.40
CA LEU A 55 -6.30 12.27 4.85
C LEU A 55 -7.16 11.70 3.73
N SER A 56 -6.89 10.46 3.34
CA SER A 56 -7.67 9.82 2.30
C SER A 56 -9.17 10.11 2.46
N SER A 57 -9.66 10.03 3.68
CA SER A 57 -11.08 10.26 3.98
C SER A 57 -11.61 11.65 3.57
N ASN A 58 -10.71 12.62 3.50
CA ASN A 58 -11.04 14.00 3.13
C ASN A 58 -10.93 14.31 1.64
N LEU A 59 -10.50 13.32 0.87
CA LEU A 59 -10.35 13.50 -0.57
C LEU A 59 -11.69 13.42 -1.28
N MET A 60 -11.75 14.00 -2.46
CA MET A 60 -12.94 13.97 -3.30
C MET A 60 -13.06 12.53 -3.85
N PRO A 61 -14.21 11.88 -3.62
CA PRO A 61 -14.42 10.51 -4.10
C PRO A 61 -14.07 10.36 -5.57
N GLY A 62 -13.28 9.35 -5.89
CA GLY A 62 -12.88 9.12 -7.26
C GLY A 62 -11.38 9.22 -7.37
N CYS A 63 -10.76 9.69 -6.30
CA CYS A 63 -9.32 9.85 -6.25
C CYS A 63 -8.70 8.65 -5.55
N ASP A 64 -7.41 8.46 -5.76
CA ASP A 64 -6.68 7.38 -5.11
C ASP A 64 -5.32 7.93 -4.74
N TYR A 65 -4.70 7.32 -3.73
CA TYR A 65 -3.35 7.66 -3.33
C TYR A 65 -2.68 6.33 -3.67
N SER A 66 -1.38 6.33 -3.95
CA SER A 66 -0.69 5.07 -4.26
C SER A 66 0.77 5.11 -3.89
N LEU A 67 1.19 4.18 -3.03
CA LEU A 67 2.60 4.15 -2.63
C LEU A 67 3.27 2.89 -3.14
N PHE A 68 4.16 3.04 -4.12
CA PHE A 68 4.88 1.90 -4.69
C PHE A 68 6.39 2.12 -4.67
N LYS A 69 7.14 1.03 -4.72
CA LYS A 69 8.60 1.11 -4.74
C LYS A 69 9.10 1.84 -5.98
N ASP A 70 10.01 2.78 -5.78
CA ASP A 70 10.60 3.57 -6.86
C ASP A 70 10.88 2.64 -8.04
N GLY A 71 10.49 3.04 -9.24
CA GLY A 71 10.74 2.19 -10.40
C GLY A 71 9.51 1.38 -10.81
N ILE A 72 8.57 1.23 -9.89
CA ILE A 72 7.34 0.49 -10.17
C ILE A 72 6.15 1.45 -10.25
N GLU A 73 5.65 1.66 -11.45
CA GLU A 73 4.49 2.52 -11.61
C GLU A 73 3.26 1.79 -11.06
N PRO A 74 2.33 2.53 -10.45
CA PRO A 74 1.10 1.98 -9.86
C PRO A 74 0.03 1.55 -10.87
N MET A 75 0.40 0.68 -11.80
CA MET A 75 -0.53 0.20 -12.81
C MET A 75 -0.22 -1.24 -13.21
N TRP A 76 -1.25 -1.94 -13.69
CA TRP A 76 -1.11 -3.32 -14.11
C TRP A 76 0.02 -3.54 -15.11
N GLU A 77 -0.02 -2.73 -16.17
CA GLU A 77 0.95 -2.80 -17.25
C GLU A 77 2.43 -2.91 -16.85
N ASP A 78 2.77 -2.46 -15.65
CA ASP A 78 4.16 -2.50 -15.20
C ASP A 78 4.77 -3.90 -15.17
N GLU A 79 6.07 -3.98 -15.44
CA GLU A 79 6.83 -5.25 -15.46
C GLU A 79 6.65 -6.00 -14.16
N LYS A 80 6.49 -5.26 -13.08
CA LYS A 80 6.36 -5.84 -11.75
C LYS A 80 4.94 -6.08 -11.27
N ASN A 81 3.93 -5.58 -12.00
CA ASN A 81 2.54 -5.81 -11.61
C ASN A 81 1.85 -6.74 -12.60
N LYS A 82 2.34 -6.73 -13.84
CA LYS A 82 1.81 -7.55 -14.92
C LYS A 82 1.36 -8.94 -14.48
N ARG A 83 2.24 -9.67 -13.81
CA ARG A 83 1.93 -11.02 -13.35
C ARG A 83 1.39 -11.08 -11.92
N GLY A 84 1.20 -9.91 -11.31
CA GLY A 84 0.74 -9.86 -9.94
C GLY A 84 -0.75 -9.81 -9.63
N GLY A 85 -1.05 -9.48 -8.38
CA GLY A 85 -2.42 -9.40 -7.93
C GLY A 85 -2.46 -8.51 -6.71
N ARG A 86 -3.60 -8.49 -6.01
CA ARG A 86 -3.74 -7.65 -4.83
C ARG A 86 -4.62 -8.25 -3.73
N TRP A 87 -4.35 -7.89 -2.48
CA TRP A 87 -5.18 -8.34 -1.36
C TRP A 87 -6.09 -7.13 -1.22
N LEU A 88 -7.40 -7.34 -1.30
CA LEU A 88 -8.32 -6.22 -1.25
C LEU A 88 -9.07 -6.10 0.06
N ILE A 89 -9.15 -4.87 0.55
CA ILE A 89 -9.88 -4.54 1.78
C ILE A 89 -11.06 -3.68 1.38
N THR A 90 -12.24 -4.28 1.32
CA THR A 90 -13.44 -3.55 0.96
C THR A 90 -14.14 -2.98 2.19
N LEU A 91 -14.23 -1.66 2.26
CA LEU A 91 -14.88 -0.95 3.38
C LEU A 91 -16.32 -0.53 3.07
N ASN A 92 -17.12 -0.34 4.11
CA ASN A 92 -18.49 0.10 3.93
C ASN A 92 -18.55 1.60 4.17
N LYS A 93 -19.69 2.21 3.83
CA LYS A 93 -19.90 3.63 4.01
C LYS A 93 -19.46 4.12 5.38
N GLN A 94 -20.01 3.50 6.42
CA GLN A 94 -19.69 3.83 7.80
C GLN A 94 -18.19 3.83 8.10
N GLN A 95 -17.50 2.84 7.56
CA GLN A 95 -16.07 2.74 7.81
C GLN A 95 -15.22 3.90 7.29
N ARG A 96 -15.82 4.81 6.54
CA ARG A 96 -15.02 5.93 6.06
C ARG A 96 -14.66 6.83 7.24
N ARG A 97 -15.55 6.87 8.23
CA ARG A 97 -15.32 7.67 9.41
C ARG A 97 -14.50 6.94 10.46
N SER A 98 -14.77 5.66 10.66
CA SER A 98 -14.06 4.91 11.68
C SER A 98 -12.76 4.19 11.30
N ASP A 99 -12.62 3.72 10.05
CA ASP A 99 -11.40 2.99 9.73
C ASP A 99 -10.50 3.39 8.57
N LEU A 100 -11.07 3.92 7.48
CA LEU A 100 -10.29 4.29 6.31
C LEU A 100 -8.90 4.85 6.58
N ASP A 101 -8.85 6.01 7.25
CA ASP A 101 -7.59 6.66 7.55
C ASP A 101 -6.61 5.78 8.33
N ARG A 102 -7.04 5.22 9.45
CA ARG A 102 -6.13 4.39 10.21
C ARG A 102 -5.72 3.17 9.41
N PHE A 103 -6.65 2.54 8.69
CA PHE A 103 -6.30 1.37 7.90
C PHE A 103 -5.23 1.73 6.87
N TRP A 104 -5.44 2.82 6.15
CA TRP A 104 -4.47 3.23 5.14
C TRP A 104 -3.10 3.52 5.73
N LEU A 105 -3.05 4.12 6.91
CA LEU A 105 -1.76 4.44 7.52
C LEU A 105 -1.02 3.15 7.91
N GLU A 106 -1.77 2.18 8.43
CA GLU A 106 -1.18 0.91 8.84
C GLU A 106 -0.59 0.21 7.62
N THR A 107 -1.24 0.39 6.46
CA THR A 107 -0.76 -0.19 5.21
C THR A 107 0.58 0.44 4.90
N LEU A 108 0.61 1.76 4.97
CA LEU A 108 1.80 2.54 4.72
C LEU A 108 2.97 2.08 5.59
N LEU A 109 2.70 1.84 6.86
CA LEU A 109 3.73 1.40 7.79
C LEU A 109 4.25 0.02 7.43
N CYS A 110 3.34 -0.87 7.04
CA CYS A 110 3.72 -2.21 6.65
C CYS A 110 4.63 -2.16 5.45
N LEU A 111 4.35 -1.23 4.54
CA LEU A 111 5.16 -1.10 3.35
C LEU A 111 6.57 -0.60 3.64
N ILE A 112 6.69 0.58 4.24
CA ILE A 112 8.00 1.13 4.52
C ILE A 112 8.76 0.39 5.63
N GLY A 113 8.05 -0.29 6.52
CA GLY A 113 8.72 -1.01 7.58
C GLY A 113 9.14 -2.39 7.17
N GLU A 114 8.79 -2.78 5.95
CA GLU A 114 9.13 -4.10 5.41
C GLU A 114 8.67 -5.13 6.42
N SER A 115 7.39 -5.06 6.79
CA SER A 115 6.80 -5.93 7.78
C SER A 115 6.36 -7.32 7.32
N PHE A 116 6.94 -7.83 6.25
CA PHE A 116 6.56 -9.15 5.79
C PHE A 116 7.76 -10.06 5.63
N ASP A 117 8.79 -9.82 6.43
CA ASP A 117 10.00 -10.64 6.36
C ASP A 117 10.50 -10.62 4.91
N ASP A 118 11.20 -11.66 4.48
CA ASP A 118 11.72 -11.65 3.12
C ASP A 118 10.62 -11.58 2.08
N TYR A 119 9.40 -11.93 2.47
CA TYR A 119 8.29 -11.87 1.53
C TYR A 119 7.95 -10.43 1.16
N SER A 120 8.53 -9.47 1.88
CA SER A 120 8.31 -8.05 1.60
C SER A 120 8.95 -7.65 0.27
N ASP A 121 9.66 -8.58 -0.34
CA ASP A 121 10.30 -8.29 -1.62
C ASP A 121 9.28 -8.48 -2.76
N ASP A 122 8.25 -9.27 -2.51
CA ASP A 122 7.19 -9.51 -3.50
C ASP A 122 6.18 -8.37 -3.49
N VAL A 123 6.28 -7.48 -2.51
CA VAL A 123 5.36 -6.35 -2.42
C VAL A 123 5.71 -5.28 -3.46
N CYS A 124 4.71 -4.77 -4.14
CA CYS A 124 4.92 -3.73 -5.15
C CYS A 124 4.49 -2.38 -4.63
N GLY A 125 3.37 -2.36 -3.92
CA GLY A 125 2.87 -1.12 -3.39
C GLY A 125 1.46 -1.32 -2.93
N ALA A 126 0.83 -0.24 -2.45
CA ALA A 126 -0.54 -0.30 -1.98
C ALA A 126 -1.27 0.90 -2.53
N VAL A 127 -2.60 0.80 -2.62
CA VAL A 127 -3.37 1.91 -3.14
C VAL A 127 -4.68 2.04 -2.40
N VAL A 128 -5.08 3.28 -2.13
CA VAL A 128 -6.35 3.52 -1.47
C VAL A 128 -7.25 4.18 -2.50
N ASN A 129 -8.51 3.75 -2.54
CA ASN A 129 -9.48 4.28 -3.49
C ASN A 129 -10.66 4.87 -2.73
N VAL A 130 -10.84 6.19 -2.81
CA VAL A 130 -11.96 6.84 -2.16
C VAL A 130 -13.12 6.84 -3.15
N ARG A 131 -14.17 6.11 -2.82
CA ARG A 131 -15.35 5.96 -3.67
C ARG A 131 -16.61 6.08 -2.83
N ALA A 132 -17.60 6.78 -3.36
CA ALA A 132 -18.85 6.99 -2.67
C ALA A 132 -19.63 5.71 -2.39
N LYS A 133 -19.43 4.68 -3.21
CA LYS A 133 -20.16 3.44 -3.00
C LYS A 133 -19.47 2.51 -2.00
N GLY A 134 -18.28 2.93 -1.53
CA GLY A 134 -17.52 2.13 -0.58
C GLY A 134 -16.03 2.24 -0.88
N ASP A 135 -15.25 2.59 0.13
CA ASP A 135 -13.81 2.75 -0.08
C ASP A 135 -13.11 1.40 -0.17
N LYS A 136 -11.88 1.43 -0.64
CA LYS A 136 -11.07 0.23 -0.76
C LYS A 136 -9.59 0.52 -0.58
N ILE A 137 -8.89 -0.48 -0.04
CA ILE A 137 -7.45 -0.40 0.20
C ILE A 137 -6.89 -1.74 -0.28
N ALA A 138 -5.73 -1.70 -0.92
CA ALA A 138 -5.15 -2.94 -1.43
C ALA A 138 -3.64 -2.94 -1.49
N ILE A 139 -3.05 -4.09 -1.22
CA ILE A 139 -1.62 -4.26 -1.29
C ILE A 139 -1.31 -5.11 -2.52
N TRP A 140 -0.50 -4.56 -3.40
CA TRP A 140 -0.12 -5.21 -4.65
C TRP A 140 1.18 -5.99 -4.54
N THR A 141 1.18 -7.21 -5.07
CA THR A 141 2.40 -8.02 -5.08
C THR A 141 2.69 -8.40 -6.52
N THR A 142 3.97 -8.67 -6.78
CA THR A 142 4.49 -9.00 -8.11
C THR A 142 4.10 -10.36 -8.74
N GLU A 143 3.91 -11.39 -7.95
CA GLU A 143 3.58 -12.69 -8.52
C GLU A 143 2.44 -13.39 -7.80
N CYS A 144 1.26 -13.38 -8.41
CA CYS A 144 0.11 -14.01 -7.78
C CYS A 144 0.23 -15.54 -7.79
N GLU A 145 1.29 -16.03 -8.40
CA GLU A 145 1.54 -17.47 -8.44
C GLU A 145 2.44 -17.88 -7.29
N ASN A 146 2.92 -16.89 -6.52
CA ASN A 146 3.77 -17.15 -5.36
C ASN A 146 2.90 -17.22 -4.11
N ARG A 147 2.14 -18.30 -3.99
CA ARG A 147 1.23 -18.55 -2.86
C ARG A 147 1.85 -18.40 -1.48
N GLU A 148 3.07 -18.91 -1.31
CA GLU A 148 3.74 -18.83 -0.01
C GLU A 148 3.92 -17.39 0.43
N ALA A 149 4.45 -16.58 -0.47
CA ALA A 149 4.69 -15.19 -0.18
C ALA A 149 3.37 -14.44 -0.11
N VAL A 150 2.44 -14.79 -0.99
CA VAL A 150 1.12 -14.15 -1.02
C VAL A 150 0.29 -14.44 0.23
N THR A 151 0.25 -15.69 0.65
CA THR A 151 -0.56 -16.02 1.83
C THR A 151 0.06 -15.42 3.09
N HIS A 152 1.38 -15.35 3.13
CA HIS A 152 2.07 -14.78 4.28
C HIS A 152 1.69 -13.31 4.46
N ILE A 153 1.78 -12.56 3.36
CA ILE A 153 1.48 -11.14 3.36
C ILE A 153 0.04 -10.88 3.78
N GLY A 154 -0.89 -11.63 3.20
CA GLY A 154 -2.28 -11.46 3.55
C GLY A 154 -2.50 -11.59 5.05
N ARG A 155 -1.97 -12.66 5.64
CA ARG A 155 -2.13 -12.92 7.07
C ARG A 155 -1.62 -11.78 7.95
N VAL A 156 -0.35 -11.43 7.77
CA VAL A 156 0.26 -10.36 8.54
C VAL A 156 -0.55 -9.08 8.39
N TYR A 157 -0.80 -8.70 7.14
CA TYR A 157 -1.57 -7.52 6.82
C TYR A 157 -2.93 -7.51 7.53
N LYS A 158 -3.73 -8.55 7.30
CA LYS A 158 -5.03 -8.62 7.96
C LYS A 158 -4.87 -8.50 9.47
N GLU A 159 -3.82 -9.11 10.01
CA GLU A 159 -3.57 -9.06 11.43
C GLU A 159 -3.11 -7.67 11.86
N ARG A 160 -2.39 -6.99 10.99
CA ARG A 160 -1.91 -5.66 11.33
C ARG A 160 -3.07 -4.68 11.31
N LEU A 161 -4.06 -4.92 10.47
CA LEU A 161 -5.20 -4.00 10.40
C LEU A 161 -6.08 -4.14 11.63
N GLY A 162 -5.98 -5.31 12.28
CA GLY A 162 -6.75 -5.53 13.50
C GLY A 162 -8.25 -5.72 13.32
N LEU A 163 -8.71 -5.88 12.10
CA LEU A 163 -10.14 -6.08 11.88
C LEU A 163 -10.53 -7.47 12.41
N PRO A 164 -11.79 -7.63 12.87
CA PRO A 164 -12.32 -8.89 13.40
C PRO A 164 -11.94 -10.09 12.54
N PRO A 165 -11.12 -11.01 13.08
CA PRO A 165 -10.61 -12.23 12.43
C PRO A 165 -11.59 -13.12 11.67
N LYS A 166 -12.88 -13.04 12.01
CA LYS A 166 -13.89 -13.85 11.33
C LYS A 166 -14.14 -13.33 9.92
N ILE A 167 -13.67 -12.12 9.65
CA ILE A 167 -13.87 -11.49 8.34
C ILE A 167 -12.77 -11.89 7.37
N VAL A 168 -13.15 -12.63 6.34
CA VAL A 168 -12.20 -13.10 5.34
C VAL A 168 -11.97 -12.08 4.21
N ILE A 169 -10.75 -12.08 3.68
CA ILE A 169 -10.40 -11.18 2.59
C ILE A 169 -9.83 -12.01 1.44
N GLY A 170 -10.09 -11.56 0.21
CA GLY A 170 -9.62 -12.29 -0.94
C GLY A 170 -8.47 -11.61 -1.67
N TYR A 171 -7.71 -12.41 -2.41
CA TYR A 171 -6.57 -11.96 -3.19
C TYR A 171 -6.91 -12.25 -4.64
N GLN A 172 -6.77 -11.23 -5.49
CA GLN A 172 -7.08 -11.37 -6.90
C GLN A 172 -5.94 -10.94 -7.81
N SER A 173 -5.75 -11.66 -8.90
CA SER A 173 -4.71 -11.34 -9.87
C SER A 173 -5.26 -10.28 -10.81
N HIS A 174 -4.44 -9.30 -11.11
CA HIS A 174 -4.85 -8.22 -12.01
C HIS A 174 -5.22 -8.76 -13.38
N ALA A 175 -4.49 -9.74 -13.87
CA ALA A 175 -4.76 -10.30 -15.19
C ALA A 175 -6.17 -10.88 -15.36
N ASP A 176 -6.84 -11.19 -14.26
CA ASP A 176 -8.18 -11.74 -14.33
C ASP A 176 -9.27 -10.69 -14.16
N THR A 177 -8.89 -9.42 -14.08
CA THR A 177 -9.90 -8.37 -13.92
C THR A 177 -10.94 -8.62 -15.00
N ALA A 178 -12.20 -8.62 -14.59
CA ALA A 178 -13.31 -8.85 -15.51
C ALA A 178 -13.09 -7.99 -16.75
N THR A 179 -13.44 -8.51 -17.92
CA THR A 179 -13.29 -7.78 -19.17
C THR A 179 -14.51 -7.94 -20.05
N LYS A 180 -15.30 -8.97 -19.74
CA LYS A 180 -16.51 -9.29 -20.48
C LYS A 180 -17.65 -8.37 -20.10
N SER A 181 -18.36 -8.73 -19.03
CA SER A 181 -19.48 -7.95 -18.51
C SER A 181 -19.70 -8.52 -17.14
N GLY A 182 -19.13 -7.86 -16.14
CA GLY A 182 -19.23 -8.34 -14.78
C GLY A 182 -18.29 -9.53 -14.78
N SER A 183 -18.67 -10.59 -15.51
CA SER A 183 -17.90 -11.81 -15.64
C SER A 183 -17.46 -12.42 -14.32
N THR A 184 -17.93 -11.82 -13.22
CA THR A 184 -17.63 -12.28 -11.87
C THR A 184 -16.14 -12.25 -11.55
N THR A 185 -15.76 -11.37 -10.62
CA THR A 185 -14.38 -11.21 -10.20
C THR A 185 -14.15 -12.24 -9.09
N LYS A 186 -12.98 -12.89 -9.09
CA LYS A 186 -12.74 -13.90 -8.06
C LYS A 186 -11.34 -13.92 -7.42
N ASN A 187 -11.20 -14.69 -6.34
CA ASN A 187 -9.95 -14.73 -5.59
C ASN A 187 -9.12 -15.99 -5.72
N ARG A 188 -7.79 -15.80 -5.80
CA ARG A 188 -6.84 -16.92 -5.89
C ARG A 188 -6.56 -17.44 -4.48
N PHE A 189 -6.55 -16.54 -3.51
CA PHE A 189 -6.31 -16.93 -2.13
C PHE A 189 -7.30 -16.20 -1.23
N VAL A 190 -7.49 -16.71 -0.03
CA VAL A 190 -8.39 -16.12 0.94
C VAL A 190 -7.84 -16.33 2.35
N VAL A 191 -7.99 -15.30 3.18
CA VAL A 191 -7.53 -15.34 4.57
C VAL A 191 -8.42 -14.46 5.43
N PRO B 1 20.75 -17.03 0.01
CA PRO B 1 19.86 -16.54 1.08
C PRO B 1 19.13 -15.25 0.77
N GLY B 2 19.71 -14.16 1.29
CA GLY B 2 19.16 -12.83 1.12
C GLY B 2 19.88 -11.94 2.10
N GLY B 3 19.61 -10.64 2.05
CA GLY B 3 20.26 -9.73 2.97
C GLY B 3 19.29 -9.24 4.03
N THR B 4 19.80 -8.91 5.21
CA THR B 4 18.96 -8.40 6.29
C THR B 4 18.23 -7.13 5.88
N ARG B 5 18.98 -6.03 5.91
CA ARG B 5 18.42 -4.74 5.56
C ARG B 5 17.29 -4.27 6.48
N ILE B 6 17.02 -2.98 6.38
CA ILE B 6 16.06 -2.24 7.18
C ILE B 6 14.61 -2.69 7.34
N ILE B 7 14.27 -3.02 8.59
CA ILE B 7 12.93 -3.43 8.97
C ILE B 7 12.53 -2.61 10.19
N TYR B 8 11.43 -1.86 10.08
CA TYR B 8 10.96 -1.08 11.21
C TYR B 8 9.62 -1.61 11.69
N ASP B 9 9.45 -1.60 13.01
CA ASP B 9 8.20 -2.07 13.59
C ASP B 9 7.30 -0.85 13.78
N ARG B 10 6.02 -1.11 13.98
CA ARG B 10 5.03 -0.06 14.20
C ARG B 10 5.53 1.02 15.17
N LYS B 11 5.59 0.65 16.44
CA LYS B 11 6.01 1.54 17.53
C LYS B 11 7.13 2.48 17.15
N PHE B 12 8.21 1.94 16.60
CA PHE B 12 9.35 2.76 16.19
C PHE B 12 8.93 3.85 15.22
N LEU B 13 8.29 3.47 14.12
CA LEU B 13 7.84 4.43 13.12
C LEU B 13 6.95 5.50 13.74
N MET B 14 6.01 5.07 14.58
CA MET B 14 5.11 6.01 15.27
C MET B 14 5.92 6.85 16.24
N GLU B 15 6.85 6.20 16.93
CA GLU B 15 7.74 6.82 17.90
C GLU B 15 8.47 7.98 17.22
N CYS B 16 8.87 7.78 15.98
CA CYS B 16 9.54 8.82 15.20
C CYS B 16 8.53 9.96 15.04
N ARG B 17 7.52 9.92 15.90
CA ARG B 17 6.47 10.92 15.94
C ARG B 17 5.71 11.07 14.64
N ASN B 18 4.92 12.14 14.60
CA ASN B 18 4.13 12.50 13.45
C ASN B 18 2.76 11.78 13.42
N SER B 19 1.76 12.48 12.90
CA SER B 19 0.37 12.02 12.79
C SER B 19 -0.02 10.85 13.69
N PRO B 20 -0.58 11.14 14.89
CA PRO B 20 -1.01 10.12 15.86
C PRO B 20 -2.43 9.57 15.66
#